data_7FJ0
#
_entry.id   7FJ0
#
loop_
_entity.id
_entity.type
_entity.pdbx_description
1 polymer "RNA (5'-R(*GP*GP*AP*UP*GP*CP*UP*UP*AP*CP*UP*CP*AP*GP*CP*GP*AP*UP*CP*C)-3')"
2 non-polymer 1-cyclopropyl-N-[3-(dimethylamino)propyl]-7-(4-ethylpiperazin-1-yl)-6-fluoranyl-4-oxidanylidene-quinoline-3-carboxamide
#
_entity_poly.entity_id   1
_entity_poly.type   'polyribonucleotide'
_entity_poly.pdbx_seq_one_letter_code
;GGAUGCUUACUCAGCGAUCC
;
_entity_poly.pdbx_strand_id   A
#
loop_
_chem_comp.id
_chem_comp.type
_chem_comp.name
_chem_comp.formula
53D non-polymer 1-cyclopropyl-N-[3-(dimethylamino)propyl]-7-(4-ethylpiperazin-1-yl)-6-fluoranyl-4-oxidanylidene-quinoline-3-carboxamide 'C24 H34 F N5 O2'
A RNA linking ADENOSINE-5'-MONOPHOSPHATE 'C10 H14 N5 O7 P'
C RNA linking CYTIDINE-5'-MONOPHOSPHATE 'C9 H14 N3 O8 P'
G RNA linking GUANOSINE-5'-MONOPHOSPHATE 'C10 H14 N5 O8 P'
U RNA linking URIDINE-5'-MONOPHOSPHATE 'C9 H13 N2 O9 P'
#
# COMPACT_ATOMS: atom_id res chain seq x y z
C5 53D B . 1.14 -1.94 0.44
C2 53D B . 0.65 0.76 -0.06
C7 53D B . 0.45 2.13 -0.19
N14 53D B . 0.29 4.10 -1.55
C13 53D B . -0.89 1.83 2.51
C8 53D B . 0.50 2.65 -1.44
C4 53D B . 1.17 -1.51 -0.93
C3 53D B . 0.92 -0.05 -1.15
C21 53D B . 0.31 7.55 -1.67
C20 53D B . -0.79 6.63 -1.20
C18 53D B . -1.38 4.82 0.28
N17 53D B . -0.58 6.07 0.22
C16 53D B . 0.82 5.59 0.46
C19 53D B . -1.16 4.22 -1.09
C15 53D B . 1.32 4.96 -0.84
C12 53D B . -0.61 0.72 3.44
C28 53D B . -2.55 -7.25 -1.76
C29 53D B . -0.73 -8.90 -1.53
N27 53D B . -1.07 -7.49 -1.93
C26 53D B . -0.22 -6.48 -1.17
C25 53D B . -0.38 -6.58 0.34
C24 53D B . 0.61 -5.63 1.06
O22 53D B . 2.56 -3.68 1.22
N23 53D B . 0.39 -4.21 0.85
C11 53D B . 0.35 0.99 2.38
C22 53D B . 1.41 -3.34 0.90
O4 53D B . 1.40 -2.22 -1.90
F9 53D B . 0.80 2.47 -3.79
C6 53D B . 0.86 -1.05 1.43
N1 53D B . 0.60 0.23 1.19
C10 53D B . 0.97 0.51 -2.42
C9 53D B . 0.76 1.86 -2.55
H7 53D B . 0.25 2.75 0.70
H132 53D B . -0.88 2.77 3.06
H131 53D B . -1.73 1.66 1.89
H211 53D B . 1.30 7.15 -1.33
H213 53D B . 0.17 8.57 -1.23
H212 53D B . 0.31 7.61 -2.78
H202 53D B . -0.86 5.74 -1.88
H201 53D B . -1.76 7.19 -1.20
H181 53D B . -0.99 4.14 1.07
H182 53D B . -2.46 5.07 0.41
H161 53D B . 1.43 6.47 0.74
H162 53D B . 0.81 4.83 1.26
H192 53D B . -1.59 3.20 -1.10
H191 53D B . -1.70 4.85 -1.83
H152 53D B . 1.59 5.77 -1.54
H151 53D B . 2.21 4.32 -0.61
H121 53D B . -0.37 1.08 4.37
H122 53D B . -1.24 -0.17 3.41
H282 53D B . -2.90 -7.75 -0.84
H281 53D B . -2.74 -6.15 -1.68
H283 53D B . -3.09 -7.66 -2.64
H291 53D B . -0.95 -9.59 -2.36
H293 53D B . -1.33 -9.19 -0.64
H292 53D B . 0.36 -8.97 -1.28
H261 53D B . -0.54 -5.47 -1.49
H262 53D B . 0.85 -6.67 -1.42
H252 53D B . -0.20 -7.65 0.64
H251 53D B . -1.45 -6.32 0.61
H242 53D B . 1.62 -5.85 0.64
H241 53D B . 0.59 -5.81 2.17
H23 53D B . -0.53 -3.86 0.61
H11 53D B . 1.29 1.44 2.68
H6 53D B . 0.79 -1.28 2.51
H10 53D B . 1.17 -0.09 -3.32
H14 53D B . 0.33 4.33 -2.57
H17 53D B . -0.88 6.77 0.94
H27 53D B . -0.85 -7.37 -2.94
C5 53D B . 1.18 -2.67 0.57
C2 53D B . 0.44 0.02 0.50
C7 53D B . 0.13 1.36 0.51
N14 53D B . -0.43 3.41 -0.57
C13 53D B . -0.50 0.83 3.46
C8 53D B . -0.12 1.98 -0.67
C4 53D B . 0.87 -2.11 -0.71
C3 53D B . 0.51 -0.68 -0.71
C21 53D B . -0.11 6.94 -1.28
C20 53D B . -1.09 6.01 -0.58
C18 53D B . -1.66 4.66 1.38
N17 53D B . -0.72 5.70 0.89
C16 53D B . 0.60 5.01 1.10
C19 53D B . -1.73 3.66 0.24
C15 53D B . 0.84 4.15 -0.14
C12 53D B . -0.04 -0.34 4.21
C28 53D B . -1.80 -8.19 2.04
C29 53D B . -0.76 -7.35 4.13
N27 53D B . -0.51 -7.90 2.75
C26 53D B . 0.43 -6.98 1.96
C25 53D B . 0.53 -7.34 0.48
C24 53D B . 1.48 -6.33 -0.21
O22 53D B . 2.53 -4.38 1.50
N23 53D B . 1.01 -4.95 -0.09
C11 53D B . 0.67 0.03 2.97
C22 53D B . 1.61 -4.07 0.73
O4 53D B . 0.92 -2.72 -1.78
F9 53D B . -0.34 2.00 -3.04
C6 53D B . 1.07 -1.89 1.68
N1 53D B . 0.69 -0.61 1.68
C10 53D B . 0.24 -0.02 -1.91
C9 53D B . -0.07 1.30 -1.88
H7 53D B . 0.09 1.90 1.46
H132 53D B . -0.38 1.71 4.04
H131 53D B . -1.50 0.65 3.07
H211 53D B . -0.34 7.99 -0.99
H213 53D B . -0.20 6.83 -2.38
H212 53D B . 0.93 6.68 -0.97
H202 53D B . -1.11 5.00 -1.12
H201 53D B . -2.10 6.46 -0.60
H181 53D B . -1.26 4.17 2.30
H182 53D B . -2.66 5.11 1.54
H161 53D B . 1.39 5.75 1.21
H162 53D B . 0.54 4.34 1.99
H192 53D B . -2.17 2.71 0.62
H191 53D B . -2.44 4.09 -0.48
H152 53D B . 1.16 4.82 -0.96
H151 53D B . 1.62 3.38 0.06
H121 53D B . -0.81 -1.06 4.12
H122 53D B . 0.42 -0.19 5.19
H282 53D B . -2.20 -9.17 2.38
H281 53D B . -1.63 -8.20 0.94
H283 53D B . -2.54 -7.38 2.29
H291 53D B . -0.98 -8.18 4.83
H293 53D B . 0.13 -6.78 4.48
H292 53D B . -1.65 -6.66 4.10
H261 53D B . 1.44 -7.08 2.40
H262 53D B . 0.04 -5.93 2.06
H252 53D B . -0.50 -7.28 0.03
H251 53D B . 0.91 -8.38 0.38
H242 53D B . 1.62 -6.56 -1.29
H241 53D B . 2.46 -6.39 0.33
H23 53D B . 0.25 -4.62 -0.68
H11 53D B . 1.64 0.51 3.09
H6 53D B . 1.27 -2.25 2.71
H10 53D B . 0.29 -0.57 -2.87
H14 53D B . -0.64 3.72 -1.56
H17 53D B . -0.78 6.58 1.46
H27 53D B . 0.00 -8.81 2.84
C5 53D B . 1.17 -2.03 -0.57
C2 53D B . 1.01 0.76 -0.93
C7 53D B . 0.95 2.16 -0.98
N14 53D B . 1.12 4.20 -2.30
C13 53D B . -0.72 1.61 1.51
C8 53D B . 1.16 2.73 -2.20
C4 53D B . 1.34 -1.50 -1.91
C3 53D B . 1.27 -0.02 -2.04
C21 53D B . -1.74 7.60 -0.06
C20 53D B . -0.80 6.69 -0.83
C18 53D B . -0.77 4.36 -0.71
N17 53D B . -0.20 5.54 -0.01
C16 53D B . 1.30 5.41 0.00
C19 53D B . -0.34 4.50 -2.17
C15 53D B . 1.95 5.07 -1.35
C12 53D B . -0.48 0.52 2.48
C28 53D B . -2.12 -6.40 -3.99
C29 53D B . -0.69 -8.37 -3.52
N27 53D B . -0.71 -6.88 -3.76
C26 53D B . 0.00 -6.14 -2.64
C25 53D B . -0.57 -6.47 -1.25
C24 53D B . 0.24 -5.69 -0.18
O22 53D B . 2.34 -3.95 0.13
N23 53D B . 0.15 -4.24 -0.32
C11 53D B . 0.56 0.81 1.48
C22 53D B . 1.25 -3.47 -0.20
O4 53D B . 1.57 -2.19 -2.91
F9 53D B . 1.61 2.64 -4.52
C6 53D B . 0.90 -1.16 0.44
N1 53D B . 0.81 0.15 0.27
C10 53D B . 1.47 0.61 -3.27
C9 53D B . 1.42 1.98 -3.33
H7 53D B . 0.75 2.77 -0.07
H132 53D B . -1.42 1.46 0.70
H131 53D B . -0.79 2.50 2.09
H211 53D B . -1.83 8.57 -0.58
H213 53D B . -1.32 7.76 0.97
H212 53D B . -2.74 7.12 0.03
H202 53D B . 0.03 7.28 -1.28
H201 53D B . -1.38 6.14 -1.64
H181 53D B . -0.39 3.43 -0.26
H182 53D B . -1.87 4.43 -0.64
H161 53D B . 1.69 6.40 0.33
H162 53D B . 1.59 4.64 0.75
H192 53D B . -0.92 3.84 -2.83
H191 53D B . -0.47 5.56 -2.46
H152 53D B . 2.11 6.01 -1.90
H151 53D B . 2.91 4.54 -1.19
H121 53D B . -0.29 0.92 3.43
H122 53D B . -1.07 -0.38 2.42
H282 53D B . -2.17 -5.31 -3.78
H281 53D B . -2.81 -6.94 -3.32
H283 53D B . -2.40 -6.59 -5.04
H291 53D B . 0.24 -8.65 -2.97
H293 53D B . -1.58 -8.66 -2.90
H292 53D B . -0.73 -8.91 -4.49
H261 53D B . -0.15 -5.05 -2.82
H262 53D B . 1.08 -6.41 -2.66
H252 53D B . -0.49 -7.56 -1.09
H251 53D B . -1.65 -6.18 -1.23
H242 53D B . 1.31 -5.95 -0.32
H241 53D B . -0.13 -5.94 0.85
H23 53D B . -0.73 -3.81 -0.56
H11 53D B . 1.49 1.25 1.84
H6 53D B . 0.74 -1.41 1.50
H10 53D B . 1.67 0.06 -4.19
H14 53D B . 1.42 4.43 -3.28
H17 53D B . -0.56 5.60 0.97
H27 53D B . -0.17 -6.68 -4.63
C5 53D B . 1.30 -2.07 0.29
C2 53D B . 0.77 0.67 0.01
C7 53D B . 0.55 2.03 -0.01
N14 53D B . 0.31 4.09 -1.21
C13 53D B . -0.59 1.56 2.72
C8 53D B . 0.53 2.64 -1.23
C4 53D B . 1.23 -1.53 -1.05
C3 53D B . 0.97 -0.07 -1.15
C21 53D B . 0.41 7.73 -1.28
C20 53D B . -0.64 6.71 -0.83
C18 53D B . -1.21 4.92 0.71
N17 53D B . -0.36 6.13 0.58
C16 53D B . 1.03 5.59 0.75
C19 53D B . -1.11 4.26 -0.64
C15 53D B . 1.44 4.86 -0.53
C12 53D B . -0.32 0.36 3.54
C28 53D B . -1.94 -8.72 2.23
C29 53D B . 0.07 -8.53 3.68
N27 53D B . -0.44 -8.87 2.29
C26 53D B . 0.29 -8.06 1.23
C25 53D B . 0.22 -6.57 1.47
C24 53D B . 0.99 -5.85 0.34
O22 53D B . 2.69 -3.81 1.09
N23 53D B . 0.69 -4.42 0.27
C11 53D B . 0.62 0.70 2.47
C22 53D B . 1.59 -3.50 0.61
O4 53D B . 1.40 -2.18 -2.09
F9 53D B . 0.69 2.63 -3.60
C6 53D B . 1.06 -1.25 1.35
N1 53D B . 0.80 0.04 1.21
C10 53D B . 0.94 0.59 -2.39
C9 53D B . 0.72 1.94 -2.40
H7 53D B . 0.41 2.60 0.93
H132 53D B . -0.55 2.43 3.35
H131 53D B . -1.49 1.43 2.16
H211 53D B . 1.42 7.39 -0.98
H213 53D B . 0.18 8.71 -0.81
H212 53D B . 0.36 7.84 -2.39
H202 53D B . -0.64 5.82 -1.52
H201 53D B . -1.64 7.20 -0.80
H181 53D B . -0.82 4.25 1.51
H182 53D B . -2.27 5.23 0.90
H161 53D B . 1.70 6.42 0.97
H162 53D B . 1.02 4.84 1.59
H192 53D B . -1.57 3.25 -0.59
H191 53D B . -1.67 4.87 -1.36
H152 53D B . 1.78 5.63 -1.27
H151 53D B . 2.25 4.14 -0.31
H121 53D B . -0.08 0.65 4.49
H122 53D B . -0.97 -0.50 3.45
H282 53D B . -2.25 -8.59 1.17
H281 53D B . -2.25 -7.83 2.82
H283 53D B . -2.43 -9.63 2.64
H291 53D B . -0.51 -7.66 4.07
H293 53D B . -0.06 -9.40 4.34
H292 53D B . 1.14 -8.26 3.62
H261 53D B . -0.22 -8.26 0.26
H262 53D B . 1.35 -8.38 1.20
H252 53D B . 0.68 -6.32 2.46
H251 53D B . -0.84 -6.23 1.46
H242 53D B . 0.70 -6.34 -0.63
H241 53D B . 2.09 -5.95 0.52
H23 53D B . -0.21 -4.13 -0.11
H11 53D B . 1.58 1.14 2.75
H6 53D B . 1.08 -1.57 2.41
H10 53D B . 1.09 0.06 -3.33
H14 53D B . 0.28 4.38 -2.21
H17 53D B . -0.57 6.85 1.32
H27 53D B . -0.23 -9.88 2.10
C5 53D B . 1.16 -1.59 0.57
C2 53D B . 0.70 1.05 -0.28
C7 53D B . 0.51 2.38 -0.59
N14 53D B . 0.43 4.18 -2.18
C13 53D B . -0.95 2.42 2.03
C8 53D B . 0.64 2.75 -1.89
C4 53D B . 1.26 -1.31 -0.85
C3 53D B . 1.03 0.10 -1.25
C21 53D B . 0.57 7.73 -2.93
C20 53D B . -0.52 6.81 -2.41
C18 53D B . -1.29 5.34 -0.63
N17 53D B . -0.42 6.52 -0.89
C16 53D B . 0.93 6.02 -0.47
C19 53D B . -1.03 4.43 -1.81
C15 53D B . 1.49 5.07 -1.54
C12 53D B . -0.78 1.41 3.10
C28 53D B . -2.36 -7.77 3.35
C29 53D B . -0.53 -7.28 4.96
N27 53D B . -0.88 -7.90 3.63
C26 53D B . -0.03 -7.29 2.51
C25 53D B . -0.09 -5.77 2.45
C24 53D B . 0.81 -5.28 1.30
O22 53D B . 2.43 -3.12 1.84
N23 53D B . 0.52 -3.90 0.92
C11 53D B . 0.28 1.55 2.09
C22 53D B . 1.40 -2.92 1.19
O4 53D B . 1.53 -2.14 -1.72
F9 53D B . 1.05 2.29 -4.18
C6 53D B . 0.82 -0.57 1.42
N1 53D B . 0.58 0.66 1.02
C10 53D B . 1.15 0.52 -2.58
C9 53D B . 0.94 1.84 -2.88
H7 53D B . 0.27 3.11 0.21
H132 53D B . -0.96 3.41 2.49
H131 53D B . -1.77 2.19 1.40
H211 53D B . 0.67 7.62 -4.03
H213 53D B . 1.55 7.46 -2.45
H212 53D B . 0.33 8.79 -2.68
H202 53D B . -0.46 5.81 -2.92
H201 53D B . -1.51 7.28 -2.59
H181 53D B . -1.00 4.85 0.32
H182 53D B . -2.36 5.67 -0.63
H161 53D B . 1.59 6.89 -0.33
H162 53D B . 0.83 5.45 0.48
H192 53D B . -1.52 3.45 -1.63
H191 53D B . -1.50 4.90 -2.70
H152 53D B . 1.92 5.68 -2.36
H151 53D B . 2.26 4.40 -1.10
H121 53D B . -0.65 1.88 3.99
H122 53D B . -1.43 0.55 3.09
H282 53D B . -2.72 -6.78 3.73
H281 53D B . -2.90 -8.58 3.88
H283 53D B . -2.55 -7.85 2.26
H291 53D B . -0.75 -8.01 5.77
H293 53D B . 0.55 -7.02 4.98
H292 53D B . -1.14 -6.36 5.12
H261 53D B . -0.43 -7.68 1.55
H262 53D B . 1.03 -7.60 2.68
H252 53D B . 0.24 -5.34 3.42
H251 53D B . -1.15 -5.45 2.26
H242 53D B . 0.61 -5.95 0.42
H241 53D B . 1.87 -5.34 1.63
H23 53D B . -0.32 -3.69 0.40
H11 53D B . 1.20 2.05 2.39
H6 53D B . 0.71 -0.69 2.53
H10 53D B . 1.39 -0.18 -3.39
H14 53D B . 0.53 4.27 -3.21
H17 53D B . -0.70 7.35 -0.34
H27 53D B . -0.66 -8.91 3.64
C5 53D B . 0.87 -1.55 0.76
C2 53D B . 0.47 1.12 0.04
C7 53D B . 0.31 2.48 -0.21
N14 53D B . 0.26 4.35 -1.70
C13 53D B . -1.11 2.47 2.45
C8 53D B . 0.44 2.91 -1.48
C4 53D B . 0.96 -1.22 -0.64
C3 53D B . 0.76 0.22 -0.98
C21 53D B . 0.50 7.93 -2.29
C20 53D B . -0.63 7.01 -1.80
C18 53D B . -1.43 5.48 -0.09
N17 53D B . -0.53 6.63 -0.30
C16 53D B . 0.81 6.09 0.10
C19 53D B . -1.20 4.61 -1.32
C15 53D B . 1.34 5.18 -1.01
C12 53D B . -0.97 1.38 3.44
C28 53D B . 1.18 -6.48 -3.45
C29 53D B . -1.01 -6.99 -2.41
N27 53D B . 0.48 -6.87 -2.18
C26 53D B . 0.79 -5.94 -1.01
C25 53D B . -0.03 -6.24 0.24
C24 53D B . 0.39 -5.26 1.37
O22 53D B . 2.12 -3.18 1.92
N23 53D B . 0.15 -3.86 1.05
C11 53D B . 0.08 1.53 2.43
C22 53D B . 1.08 -2.92 1.32
O4 53D B . 1.21 -2.01 -1.56
F9 53D B . 0.82 2.54 -3.80
C6 53D B . 0.56 -0.58 1.66
N1 53D B . 0.36 0.70 1.32
C10 53D B . 0.88 0.70 -2.29
C9 53D B . 0.71 2.02 -2.53
H7 53D B . 0.09 3.18 0.63
H132 53D B . -1.05 3.42 2.94
H131 53D B . -1.95 2.30 1.83
H211 53D B . 1.46 7.61 -1.82
H213 53D B . 0.27 8.98 -1.98
H212 53D B . 0.58 7.86 -3.39
H202 53D B . -0.59 6.03 -2.36
H201 53D B . -1.60 7.52 -1.95
H181 53D B . -1.15 4.92 0.83
H182 53D B . -2.49 5.83 -0.07
H161 53D B . 1.50 6.95 0.26
H162 53D B . 0.69 5.50 1.03
H192 53D B . -1.70 3.63 -1.17
H191 53D B . -1.66 5.14 -2.17
H152 53D B . 1.80 5.81 -1.80
H151 53D B . 2.08 4.46 -0.59
H121 53D B . -0.79 1.79 4.36
H122 53D B . -1.66 0.54 3.40
H282 53D B . 2.16 -6.02 -3.21
H281 53D B . 0.55 -5.72 -4.00
H283 53D B . 1.33 -7.37 -4.09
H291 53D B . -1.34 -6.18 -3.11
H293 53D B . -1.24 -7.98 -2.87
H292 53D B . -1.55 -6.89 -1.45
H261 53D B . 0.54 -4.91 -1.35
H262 53D B . 1.87 -6.05 -0.77
H252 53D B . 0.16 -7.31 0.55
H251 53D B . -1.12 -6.13 0.00
H242 53D B . 1.50 -5.36 1.50
H241 53D B . -0.15 -5.50 2.32
H23 53D B . -0.70 -3.59 0.58
H11 53D B . 1.03 1.98 2.75
H6 53D B . 0.46 -0.73 2.75
H10 53D B . 1.10 0.03 -3.13
H14 53D B . 0.35 4.50 -2.73
H17 53D B . -0.79 7.46 0.29
H27 53D B . 0.85 -7.82 -1.91
C5 53D B . 1.03 -1.98 0.66
C2 53D B . 0.57 0.72 0.09
C7 53D B . 0.37 2.09 -0.08
N14 53D B . 0.26 4.03 -1.46
C13 53D B . -1.03 1.89 2.59
C8 53D B . 0.47 2.59 -1.34
C4 53D B . 1.10 -1.56 -0.73
C3 53D B . 0.86 -0.11 -0.97
C21 53D B . 0.41 7.64 -1.85
C20 53D B . -0.68 6.68 -1.41
C18 53D B . -1.44 5.03 0.22
N17 53D B . -0.56 6.23 0.07
C16 53D B . 0.79 5.69 0.42
C19 53D B . -1.20 4.24 -1.05
C15 53D B . 1.33 4.85 -0.73
C12 53D B . -0.85 0.76 3.51
C28 53D B . 0.68 -8.62 -2.25
C29 53D B . 1.74 -6.88 -3.68
N27 53D B . 0.75 -7.14 -2.57
C26 53D B . 1.04 -6.26 -1.36
C25 53D B . 0.25 -6.66 -0.11
C24 53D B . 0.65 -5.72 1.06
O22 53D B . 2.34 -3.64 1.72
N23 53D B . 0.37 -4.32 0.82
C11 53D B . 0.18 0.99 2.50
C22 53D B . 1.28 -3.37 1.13
O4 53D B . 1.36 -2.31 -1.68
F9 53D B . 0.84 2.36 -3.67
C6 53D B . 0.71 -1.06 1.62
N1 53D B . 0.47 0.22 1.35
C10 53D B . 0.96 0.44 -2.26
C9 53D B . 0.76 1.78 -2.42
H7 53D B . 0.15 2.74 0.79
H132 53D B . -1.00 2.81 3.14
H131 53D B . -1.87 1.75 1.96
H211 53D B . 1.38 7.32 -1.41
H213 53D B . 0.16 8.67 -1.49
H212 53D B . 0.48 7.64 -2.96
H202 53D B . -0.64 5.73 -2.03
H201 53D B . -1.67 7.17 -1.53
H181 53D B . -1.14 4.44 1.11
H182 53D B . -2.50 5.36 0.26
H161 53D B . 1.45 6.55 0.64
H162 53D B . 0.69 5.04 1.33
H192 53D B . -1.68 3.25 -0.96
H191 53D B . -1.68 4.80 -1.88
H152 53D B . 1.77 5.52 -1.49
H151 53D B . 2.09 4.13 -0.36
H121 53D B . -0.68 1.12 4.46
H122 53D B . -1.52 -0.10 3.43
H282 53D B . 0.28 -8.75 -1.22
H281 53D B . 1.71 -9.04 -2.30
H283 53D B . 0.03 -9.12 -2.99
H291 53D B . 1.27 -7.08 -4.67
H293 53D B . 2.07 -5.82 -3.64
H292 53D B . 2.62 -7.54 -3.55
H261 53D B . 0.77 -5.23 -1.63
H262 53D B . 2.13 -6.35 -1.13
H252 53D B . 0.46 -7.72 0.13
H251 53D B . -0.84 -6.55 -0.34
H242 53D B . 1.76 -5.80 1.18
H241 53D B . 0.12 -6.02 2.00
H23 53D B . -0.49 -4.04 0.37
H11 53D B . 1.12 1.44 2.84
H6 53D B . 0.61 -1.28 2.70
H10 53D B . 1.19 -0.17 -3.14
H14 53D B . 0.35 4.24 -2.48
H17 53D B . -0.85 7.00 0.70
H27 53D B . -0.21 -6.87 -2.91
C5 53D B . 0.68 -1.70 -0.33
C2 53D B . 0.61 1.08 -0.65
C7 53D B . 0.62 2.46 -0.69
N14 53D B . 0.81 4.52 -1.96
C13 53D B . -0.79 2.22 2.06
C8 53D B . 0.80 3.06 -1.90
C4 53D B . 0.82 -1.17 -1.68
C3 53D B . 0.79 0.31 -1.79
C21 53D B . -2.10 7.85 0.40
C20 53D B . -1.14 7.00 -0.41
C18 53D B . -1.11 4.67 -0.43
N17 53D B . -0.56 5.79 0.37
C16 53D B . 0.94 5.67 0.40
C19 53D B . -0.62 4.91 -1.86
C15 53D B . 1.63 5.28 -0.92
C12 53D B . -0.68 0.98 2.87
C28 53D B . -2.40 -9.39 2.10
C29 53D B . -3.19 -7.15 2.79
N27 53D B . -1.99 -7.97 2.33
C26 53D B . -1.31 -7.34 1.14
C25 53D B . -1.04 -5.85 1.28
C24 53D B . -0.35 -5.34 0.00
O22 53D B . 1.81 -3.67 0.34
N23 53D B . -0.39 -3.88 -0.12
C11 53D B . 0.28 1.18 1.79
C22 53D B . 0.73 -3.15 0.02
O4 53D B . 0.97 -1.86 -2.70
F9 53D B . 1.14 2.99 -4.25
C6 53D B . 0.51 -0.84 0.70
N1 53D B . 0.45 0.49 0.56
C10 53D B . 0.97 0.95 -3.02
C9 53D B . 0.96 2.31 -3.05
H7 53D B . 0.48 3.07 0.24
H132 53D B . -0.57 3.08 2.66
H131 53D B . -1.69 2.26 1.50
H211 53D B . -3.10 7.37 0.40
H213 53D B . -2.17 8.85 -0.06
H212 53D B . -1.73 7.95 1.44
H202 53D B . -0.27 7.61 -0.77
H201 53D B . -1.68 6.50 -1.27
H181 53D B . -0.76 3.70 -0.03
H182 53D B . -2.23 4.75 -0.41
H161 53D B . 1.31 6.67 0.72
H162 53D B . 1.22 4.92 1.18
H192 53D B . -1.22 4.36 -2.61
H191 53D B . -0.66 6.00 -2.05
H152 53D B . 1.92 6.23 -1.44
H151 53D B . 2.51 4.65 -0.72
H121 53D B . -0.33 1.19 3.80
H122 53D B . -1.46 0.22 2.78
H282 53D B . -3.40 -9.43 1.63
H281 53D B . -2.42 -9.94 3.06
H283 53D B . -1.66 -9.89 1.42
H291 53D B . -4.09 -7.49 2.22
H293 53D B . -3.34 -7.30 3.88
H292 53D B . -3.00 -6.08 2.58
H261 53D B . -2.00 -7.45 0.26
H262 53D B . -0.34 -7.86 0.95
H252 53D B . -0.39 -5.67 2.17
H251 53D B . -2.01 -5.31 1.42
H242 53D B . -0.89 -5.79 -0.87
H241 53D B . 0.72 -5.65 0.02
H23 53D B . -1.26 -3.42 -0.36
H11 53D B . 1.29 1.46 2.11
H6 53D B . 0.38 -1.15 1.76
H10 53D B . 1.11 0.40 -3.95
H14 53D B . 1.16 4.78 -2.92
H17 53D B . -0.95 5.80 1.33
H27 53D B . -1.28 -7.97 3.11
C5 53D B . 1.07 -2.05 0.79
C2 53D B . 0.66 0.69 0.41
C7 53D B . 0.49 2.06 0.33
N14 53D B . 0.37 4.09 -0.95
C13 53D B . -0.76 1.73 3.05
C8 53D B . 0.53 2.64 -0.90
C4 53D B . 1.07 -1.56 -0.57
C3 53D B . 0.87 -0.09 -0.72
C21 53D B . -1.55 8.00 -0.29
C20 53D B . -0.68 6.76 -0.42
C18 53D B . -1.18 4.83 0.96
N17 53D B . -0.37 6.07 0.93
C16 53D B . 1.05 5.58 1.03
C19 53D B . -1.06 4.26 -0.43
C15 53D B . 1.47 4.88 -0.26
C12 53D B . -0.53 0.56 3.92
C28 53D B . -0.98 -6.70 -3.16
C29 53D B . 0.61 -8.49 -2.47
N27 53D B . 0.43 -7.01 -2.70
C26 53D B . 0.84 -6.21 -1.47
C25 53D B . 0.10 -6.65 -0.20
C24 53D B . 0.61 -5.81 1.00
O22 53D B . 2.39 -3.81 1.67
N23 53D B . 0.36 -4.38 0.87
C11 53D B . 0.43 0.82 2.86
C22 53D B . 1.31 -3.48 1.17
O4 53D B . 1.25 -2.25 -1.57
F9 53D B . 0.75 2.54 -3.26
C6 53D B . 0.85 -1.18 1.82
N1 53D B . 0.62 0.11 1.64
C10 53D B . 0.90 0.54 -1.97
C9 53D B . 0.73 1.89 -2.05
H7 53D B . 0.34 2.67 1.25
H132 53D B . -0.68 2.63 3.65
H131 53D B . -1.64 1.62 2.47
H211 53D B . -1.44 8.64 -1.20
H213 53D B . -1.24 8.58 0.61
H212 53D B . -2.61 7.70 -0.18
H202 53D B . 0.28 7.03 -0.90
H201 53D B . -1.23 5.98 -1.02
H181 53D B . -0.78 4.12 1.72
H182 53D B . -2.25 5.10 1.16
H161 53D B . 1.70 6.46 1.22
H162 53D B . 1.11 4.85 1.87
H192 53D B . -1.52 3.26 -0.44
H191 53D B . -1.61 4.92 -1.13
H152 53D B . 1.79 5.66 -0.99
H151 53D B . 2.30 4.17 -0.06
H121 53D B . -0.30 0.86 4.86
H122 53D B . -1.22 -0.29 3.84
H282 53D B . -1.69 -7.35 -2.60
H281 53D B . -1.06 -6.90 -4.24
H283 53D B . -1.21 -5.64 -2.94
H291 53D B . 0.80 -9.00 -3.44
H293 53D B . 1.47 -8.66 -1.77
H292 53D B . -0.31 -8.90 -2.01
H261 53D B . 0.57 -5.14 -1.66
H262 53D B . 1.93 -6.34 -1.31
H252 53D B . 0.31 -7.73 -0.04
H251 53D B . -0.99 -6.50 -0.35
H242 53D B . 1.72 -5.92 1.04
H241 53D B . 0.13 -6.15 1.95
H23 53D B . -0.52 -4.05 0.47
H11 53D B . 1.40 1.24 3.15
H6 53D B . 0.81 -1.47 2.89
H10 53D B . 1.05 -0.02 -2.90
H14 53D B . 0.37 4.35 -1.96
H17 53D B . -0.60 6.73 1.71
H27 53D B . 1.07 -6.71 -3.47
C5 53D B . 1.04 -1.65 -0.18
C2 53D B . 1.03 1.09 -0.75
C7 53D B . 1.06 2.47 -0.93
N14 53D B . 1.36 4.39 -2.37
C13 53D B . -0.51 2.49 1.74
C8 53D B . 1.32 2.94 -2.17
C4 53D B . 1.27 -1.25 -1.55
C3 53D B . 1.27 0.21 -1.80
C21 53D B . -1.65 7.94 -0.51
C20 53D B . -0.64 7.02 -1.18
C18 53D B . -0.66 4.69 -0.98
N17 53D B . -0.14 5.89 -0.26
C16 53D B . 1.35 5.75 -0.12
C19 53D B . -0.08 4.80 -2.39
C15 53D B . 2.12 5.24 -1.36
C12 53D B . -0.47 1.34 2.66
C28 53D B . -2.12 -5.10 4.52
C29 53D B . -2.21 -7.37 3.52
N27 53D B . -2.57 -5.91 3.33
C26 53D B . -2.02 -5.39 2.01
C25 53D B . -0.50 -5.60 1.88
C24 53D B . -0.04 -5.23 0.44
O22 53D B . 2.10 -3.55 0.74
N23 53D B . -0.07 -3.79 0.19
C11 53D B . 0.55 1.43 1.63
C22 53D B . 1.05 -3.06 0.32
O4 53D B . 1.47 -2.02 -2.49
F9 53D B . 1.80 2.65 -4.48
C6 53D B . 0.82 -0.69 0.76
N1 53D B . 0.80 0.61 0.48
C10 53D B . 1.53 0.74 -3.08
C9 53D B . 1.55 2.09 -3.24
H7 53D B . 0.88 3.16 -0.06
H132 53D B . -0.31 3.40 2.27
H131 53D B . -1.38 2.48 1.12
H211 53D B . -1.34 8.14 0.54
H213 53D B . -2.65 7.47 -0.52
H212 53D B . -1.69 8.91 -1.07
H202 53D B . 0.24 7.58 -1.54
H201 53D B . -1.14 6.45 -2.02
H181 53D B . -0.34 3.77 -0.47
H182 53D B . -1.77 4.79 -1.03
H161 53D B . 1.71 6.78 0.13
H162 53D B . 1.57 5.08 0.74
H192 53D B . -0.64 4.19 -3.12
H191 53D B . -0.09 5.86 -2.68
H152 53D B . 2.45 6.12 -1.94
H151 53D B . 2.98 4.63 -1.04
H121 53D B . -0.17 1.63 3.59
H122 53D B . -1.25 0.58 2.60
H282 53D B . -2.88 -5.19 5.33
H281 53D B . -2.02 -4.03 4.22
H283 53D B . -1.14 -5.47 4.88
H291 53D B . -1.22 -7.44 4.02
H293 53D B . -2.99 -7.85 4.16
H292 53D B . -2.17 -7.88 2.53
H261 53D B . -2.21 -4.29 2.00
H262 53D B . -2.52 -5.92 1.18
H252 53D B . -0.27 -6.67 2.11
H251 53D B . 0.01 -4.94 2.63
H242 53D B . -0.73 -5.75 -0.26
H241 53D B . 1.01 -5.57 0.27
H23 53D B . -0.91 -3.32 -0.15
H11 53D B . 1.54 1.72 1.99
H6 53D B . 0.63 -0.90 1.83
H10 53D B . 1.72 0.10 -3.94
H14 53D B . 1.76 4.56 -3.32
H17 53D B . -0.60 5.98 0.67
H27 53D B . -3.61 -5.82 3.27
C5 53D B . 0.92 -1.70 0.14
C2 53D B . 0.74 1.04 -0.43
C7 53D B . 0.68 2.41 -0.60
N14 53D B . 0.82 4.35 -2.06
C13 53D B . -0.74 2.36 2.13
C8 53D B . 0.86 2.90 -1.87
C4 53D B . 1.04 -1.29 -1.25
C3 53D B . 0.97 0.17 -1.50
C21 53D B . -2.26 7.76 -0.05
C20 53D B . -1.24 6.87 -0.76
C18 53D B . -1.14 4.56 -0.56
N17 53D B . -0.64 5.77 0.12
C16 53D B . 0.87 5.71 0.18
C19 53D B . -0.64 4.69 -2.01
C15 53D B . 1.59 5.23 -1.09
C12 53D B . -0.59 1.21 3.05
C28 53D B . -0.68 -10.09 -0.49
C29 53D B . -0.17 -8.45 -2.26
N27 53D B . -0.87 -8.67 -0.96
C26 53D B . -0.45 -7.65 0.09
C25 53D B . -0.46 -6.21 -0.40
C24 53D B . 0.01 -5.33 0.78
O22 53D B . 2.10 -3.55 1.01
N23 53D B . -0.07 -3.89 0.54
C11 53D B . 0.37 1.35 1.97
C22 53D B . 1.01 -3.11 0.62
O4 53D B . 1.23 -2.06 -2.20
F9 53D B . 1.23 2.62 -4.19
C6 53D B . 0.68 -0.75 1.08
N1 53D B . 0.58 0.55 0.81
C10 53D B . 1.13 0.70 -2.78
C9 53D B . 1.07 2.05 -2.94
H7 53D B . 0.52 3.09 0.26
H132 53D B . -0.56 3.28 2.66
H131 53D B . -1.64 2.31 1.57
H211 53D B . -1.90 7.96 0.99
H213 53D B . -3.24 7.24 0.00
H212 53D B . -2.37 8.72 -0.60
H202 53D B . -0.41 7.48 -1.16
H201 53D B . -1.76 6.28 -1.57
H181 53D B . -0.75 3.64 -0.08
H182 53D B . -2.25 4.59 -0.56
H161 53D B . 1.19 6.75 0.41
H162 53D B . 1.16 5.05 1.03
H192 53D B . -1.19 4.04 -2.71
H191 53D B . -0.71 5.74 -2.29
H152 53D B . 1.85 6.13 -1.69
H151 53D B . 2.50 4.66 -0.82
H121 53D B . -0.25 1.52 3.97
H122 53D B . -1.34 0.42 3.03
H282 53D B . 0.36 -10.42 -0.73
H281 53D B . -1.39 -10.76 -1.02
H283 53D B . -0.85 -10.15 0.61
H291 53D B . -0.80 -8.81 -3.10
H293 53D B . 0.02 -7.36 -2.41
H292 53D B . 0.81 -8.99 -2.26
H261 53D B . 0.60 -7.88 0.39
H262 53D B . -1.15 -7.70 0.95
H252 53D B . -1.50 -5.94 -0.71
H251 53D B . 0.22 -6.10 -1.29
H242 53D B . 1.07 -5.56 1.01
H241 53D B . -0.64 -5.56 1.65
H23 53D B . -0.96 -3.50 0.23
H11 53D B . 1.36 1.70 2.28
H6 53D B . 0.56 -0.98 2.17
H10 53D B . 1.30 0.07 -3.66
H14 53D B . 1.16 4.52 -3.04
H17 53D B . -1.05 5.84 1.09
H27 53D B . -1.90 -8.54 -1.10
#